data_6F29
#
_entry.id   6F29
#
_cell.length_a   68.040
_cell.length_b   68.040
_cell.length_c   126.860
_cell.angle_alpha   90.000
_cell.angle_beta   90.000
_cell.angle_gamma   90.000
#
_symmetry.space_group_name_H-M   'P 41 2 2'
#
loop_
_entity.id
_entity.type
_entity.pdbx_description
1 polymer 'Glutamate receptor ionotropic, kainate 3,Glutamate receptor ionotropic, kainate 3'
2 non-polymer '(2~{S})-2-azanyl-3-[2,4-bis(oxidanylidene)-5,7-dihydrothieno[3,4-d]pyrimidin-1-yl]propanoic acid'
3 non-polymer 'POTASSIUM ION'
4 non-polymer 'CHLORIDE ION'
5 water water
#
_entity_poly.entity_id   1
_entity_poly.type   'polypeptide(L)'
_entity_poly.pdbx_seq_one_letter_code
;GPGTNRSLIVTTLLEEPFVMFRKSDRTLYGNDRFEGYCIDLLKELAHILGFSYEIRLVEDGKYGAQDDKGQWNGMVKELI
DHKADLAVAPLTITHVREKAIDFSKPFMTLGVSILYRKGTPIDSADDLAKQTKIEYGAVKDGATMTFFKKSKISTFEKMW
AFMSSKPSALVKNNEEGIQRTLTADYALLMESTTIEYITQRNCNLTQIGGLIDSKGYGIGTPMGSPYRDKITIAILQLQE
EDKLHIMKEKWWRGSGCP
;
_entity_poly.pdbx_strand_id   A
#
loop_
_chem_comp.id
_chem_comp.type
_chem_comp.name
_chem_comp.formula
CGW non-polymer '(2~{S})-2-azanyl-3-[2,4-bis(oxidanylidene)-5,7-dihydrothieno[3,4-d]pyrimidin-1-yl]propanoic acid' 'C9 H11 N3 O4 S'
CL non-polymer 'CHLORIDE ION' 'Cl -1'
K non-polymer 'POTASSIUM ION' 'K 1'
#
# COMPACT_ATOMS: atom_id res chain seq x y z
N ASN A 5 -15.84 -22.40 8.14
CA ASN A 5 -16.58 -22.57 9.38
C ASN A 5 -15.97 -21.78 10.54
N ARG A 6 -14.64 -21.83 10.65
CA ARG A 6 -13.91 -21.10 11.68
C ARG A 6 -13.58 -19.69 11.24
N SER A 7 -13.00 -18.93 12.17
CA SER A 7 -12.70 -17.53 11.93
C SER A 7 -11.36 -17.41 11.20
N LEU A 8 -11.35 -16.69 10.10
CA LEU A 8 -10.15 -16.54 9.31
C LEU A 8 -9.16 -15.65 10.05
N ILE A 9 -7.87 -15.93 9.87
CA ILE A 9 -6.82 -15.05 10.36
C ILE A 9 -6.54 -13.99 9.29
N VAL A 10 -6.63 -12.71 9.69
CA VAL A 10 -6.39 -11.61 8.76
C VAL A 10 -5.13 -10.87 9.19
N THR A 11 -4.11 -10.87 8.33
CA THR A 11 -2.92 -10.09 8.60
C THR A 11 -3.04 -8.74 7.92
N THR A 12 -2.47 -7.72 8.55
CA THR A 12 -2.62 -6.36 8.03
C THR A 12 -1.53 -5.48 8.62
N LEU A 13 -1.66 -4.19 8.35
CA LEU A 13 -0.61 -3.20 8.57
C LEU A 13 -1.25 -1.84 8.83
N LEU A 14 -0.58 -1.03 9.64
CA LEU A 14 -1.11 0.31 9.91
C LEU A 14 -0.75 1.20 8.74
N GLU A 15 -1.76 1.60 7.99
CA GLU A 15 -1.52 2.41 6.80
C GLU A 15 -2.75 3.28 6.64
N GLU A 16 -2.60 4.56 6.89
CA GLU A 16 -3.73 5.46 6.83
C GLU A 16 -4.05 5.81 5.38
N PRO A 17 -5.33 5.92 5.01
CA PRO A 17 -6.54 5.67 5.78
C PRO A 17 -7.07 4.28 5.57
N PHE A 18 -6.19 3.32 5.29
CA PHE A 18 -6.65 1.97 5.00
C PHE A 18 -6.89 1.18 6.28
N VAL A 19 -5.90 1.16 7.17
CA VAL A 19 -6.00 0.44 8.44
C VAL A 19 -5.40 1.33 9.52
N MET A 20 -6.20 1.65 10.53
CA MET A 20 -5.78 2.56 11.58
C MET A 20 -6.35 2.11 12.90
N PHE A 21 -5.71 2.56 13.97
CA PHE A 21 -6.23 2.39 15.32
C PHE A 21 -7.36 3.37 15.54
N ARG A 22 -8.55 2.83 15.73
CA ARG A 22 -9.70 3.61 16.13
C ARG A 22 -9.40 4.40 17.40
N LYS A 23 -10.01 5.57 17.54
CA LYS A 23 -9.78 6.46 18.67
C LYS A 23 -10.86 6.23 19.72
N SER A 24 -10.45 6.15 21.00
CA SER A 24 -11.39 5.85 22.08
C SER A 24 -10.74 6.16 23.43
N ASP A 25 -11.58 6.51 24.41
CA ASP A 25 -11.11 6.65 25.77
C ASP A 25 -10.80 5.30 26.40
N ARG A 26 -11.54 4.26 26.01
CA ARG A 26 -11.29 2.92 26.51
C ARG A 26 -10.00 2.36 25.91
N THR A 27 -9.49 1.32 26.55
CA THR A 27 -8.46 0.49 25.94
C THR A 27 -9.17 -0.56 25.09
N LEU A 28 -8.96 -0.50 23.78
CA LEU A 28 -9.62 -1.38 22.85
C LEU A 28 -8.83 -2.68 22.69
N TYR A 29 -9.51 -3.72 22.19
CA TYR A 29 -8.91 -5.02 21.98
C TYR A 29 -9.65 -5.71 20.84
N GLY A 30 -9.05 -6.77 20.32
CA GLY A 30 -9.69 -7.54 19.27
C GLY A 30 -9.88 -6.72 18.01
N ASN A 31 -10.85 -7.13 17.18
CA ASN A 31 -11.09 -6.39 15.94
C ASN A 31 -11.50 -4.96 16.18
N ASP A 32 -12.11 -4.67 17.33
CA ASP A 32 -12.61 -3.33 17.61
C ASP A 32 -11.51 -2.26 17.58
N ARG A 33 -10.24 -2.65 17.72
CA ARG A 33 -9.18 -1.65 17.67
C ARG A 33 -9.07 -0.99 16.30
N PHE A 34 -9.59 -1.59 15.24
CA PHE A 34 -9.25 -1.15 13.91
C PHE A 34 -10.41 -0.46 13.21
N GLU A 35 -10.08 0.45 12.29
CA GLU A 35 -11.03 1.07 11.39
C GLU A 35 -10.29 1.58 10.17
N GLY A 36 -11.03 1.80 9.09
CA GLY A 36 -10.45 2.35 7.88
C GLY A 36 -11.11 1.74 6.65
N TYR A 37 -10.63 2.17 5.50
CA TYR A 37 -11.20 1.69 4.25
C TYR A 37 -11.17 0.16 4.17
N CYS A 38 -10.00 -0.45 4.38
CA CYS A 38 -9.90 -1.91 4.29
C CYS A 38 -10.71 -2.62 5.36
N ILE A 39 -10.88 -2.00 6.54
CA ILE A 39 -11.70 -2.63 7.56
C ILE A 39 -13.16 -2.60 7.13
N ASP A 40 -13.60 -1.48 6.55
CA ASP A 40 -14.93 -1.41 5.96
C ASP A 40 -15.08 -2.45 4.86
N LEU A 41 -14.07 -2.60 4.01
CA LEU A 41 -14.15 -3.58 2.93
C LEU A 41 -14.26 -4.98 3.50
N LEU A 42 -13.48 -5.28 4.53
CA LEU A 42 -13.54 -6.57 5.19
C LEU A 42 -14.90 -6.82 5.82
N LYS A 43 -15.41 -5.85 6.59
CA LYS A 43 -16.76 -5.98 7.12
C LYS A 43 -17.75 -6.34 6.03
N GLU A 44 -17.68 -5.65 4.89
CA GLU A 44 -18.60 -5.92 3.80
C GLU A 44 -18.41 -7.32 3.21
N LEU A 45 -17.16 -7.78 3.04
CA LEU A 45 -16.97 -9.13 2.53
C LEU A 45 -17.44 -10.18 3.53
N ALA A 46 -17.22 -9.95 4.83
CA ALA A 46 -17.62 -10.90 5.85
C ALA A 46 -19.14 -11.02 5.91
N HIS A 47 -19.83 -9.90 5.74
CA HIS A 47 -21.28 -9.90 5.70
C HIS A 47 -21.80 -10.64 4.46
N ILE A 48 -21.28 -10.30 3.29
CA ILE A 48 -21.76 -10.94 2.05
C ILE A 48 -21.48 -12.45 2.08
N LEU A 49 -20.28 -12.82 2.52
CA LEU A 49 -19.83 -14.22 2.41
C LEU A 49 -20.10 -15.04 3.67
N GLY A 50 -20.48 -14.42 4.78
CA GLY A 50 -20.75 -15.19 5.97
C GLY A 50 -19.54 -15.83 6.63
N PHE A 51 -18.46 -15.08 6.82
CA PHE A 51 -17.36 -15.57 7.62
C PHE A 51 -17.02 -14.54 8.68
N SER A 52 -16.38 -15.02 9.74
CA SER A 52 -15.82 -14.16 10.78
C SER A 52 -14.32 -14.17 10.64
N TYR A 53 -13.66 -13.33 11.44
CA TYR A 53 -12.23 -13.13 11.26
C TYR A 53 -11.61 -12.60 12.54
N GLU A 54 -10.30 -12.81 12.67
CA GLU A 54 -9.51 -12.16 13.71
C GLU A 54 -8.36 -11.43 13.04
N ILE A 55 -8.29 -10.10 13.26
CA ILE A 55 -7.29 -9.24 12.64
C ILE A 55 -6.03 -9.25 13.47
N ARG A 56 -4.89 -9.53 12.84
CA ARG A 56 -3.57 -9.49 13.47
C ARG A 56 -2.64 -8.64 12.64
N LEU A 57 -1.84 -7.80 13.30
CA LEU A 57 -0.85 -6.98 12.62
C LEU A 57 0.42 -7.78 12.40
N VAL A 58 0.97 -7.71 11.16
CA VAL A 58 2.17 -8.49 10.85
C VAL A 58 3.34 -7.98 11.66
N GLU A 59 4.09 -8.90 12.28
CA GLU A 59 5.03 -8.50 13.33
C GLU A 59 6.14 -7.61 12.78
N ASP A 60 6.55 -7.80 11.53
CA ASP A 60 7.68 -7.03 10.99
C ASP A 60 7.23 -5.77 10.29
N GLY A 61 5.93 -5.47 10.30
CA GLY A 61 5.42 -4.24 9.71
C GLY A 61 5.75 -4.00 8.25
N LYS A 62 5.79 -5.06 7.44
CA LYS A 62 6.17 -4.91 6.04
C LYS A 62 5.17 -5.59 5.12
N TYR A 63 5.08 -5.05 3.91
CA TYR A 63 4.18 -5.62 2.91
C TYR A 63 4.72 -6.93 2.37
N GLY A 64 5.98 -6.93 1.90
CA GLY A 64 6.59 -8.15 1.45
C GLY A 64 7.51 -8.02 0.25
N ALA A 65 8.78 -8.42 0.42
CA ALA A 65 9.66 -8.55 -0.73
C ALA A 65 10.60 -9.71 -0.50
N GLN A 66 11.29 -10.10 -1.57
CA GLN A 66 12.27 -11.17 -1.53
C GLN A 66 13.65 -10.58 -1.28
N ASP A 67 14.50 -11.34 -0.60
CA ASP A 67 15.87 -10.92 -0.35
C ASP A 67 16.76 -11.50 -1.47
N ASP A 68 18.07 -11.53 -1.25
CA ASP A 68 18.97 -12.04 -2.28
C ASP A 68 18.89 -13.56 -2.38
N LYS A 69 18.55 -14.24 -1.30
CA LYS A 69 18.41 -15.68 -1.31
C LYS A 69 17.04 -16.16 -1.79
N GLY A 70 16.06 -15.26 -1.88
CA GLY A 70 14.74 -15.61 -2.36
C GLY A 70 13.69 -15.79 -1.30
N GLN A 71 14.00 -15.53 -0.04
CA GLN A 71 13.01 -15.63 1.00
C GLN A 71 12.21 -14.34 1.12
N TRP A 72 10.92 -14.50 1.39
CA TRP A 72 9.98 -13.41 1.57
C TRP A 72 9.93 -12.97 3.02
N ASN A 73 9.44 -11.74 3.22
CA ASN A 73 9.08 -11.22 4.53
C ASN A 73 7.70 -10.59 4.40
N GLY A 74 7.33 -9.80 5.40
CA GLY A 74 6.09 -9.06 5.35
C GLY A 74 4.86 -9.96 5.37
N MET A 75 3.74 -9.33 5.01
CA MET A 75 2.48 -10.06 4.89
C MET A 75 2.58 -11.19 3.88
N VAL A 76 3.33 -11.00 2.79
CA VAL A 76 3.50 -12.08 1.81
C VAL A 76 4.03 -13.33 2.51
N LYS A 77 5.06 -13.17 3.34
CA LYS A 77 5.57 -14.31 4.12
C LYS A 77 4.46 -14.92 4.98
N GLU A 78 3.64 -14.10 5.64
CA GLU A 78 2.55 -14.62 6.46
C GLU A 78 1.63 -15.53 5.65
N LEU A 79 1.30 -15.14 4.42
CA LEU A 79 0.49 -16.00 3.58
C LEU A 79 1.25 -17.26 3.15
N ILE A 80 2.52 -17.12 2.79
CA ILE A 80 3.30 -18.27 2.37
C ILE A 80 3.33 -19.34 3.46
N ASP A 81 3.69 -18.93 4.69
CA ASP A 81 3.78 -19.88 5.80
C ASP A 81 2.41 -20.23 6.37
N HIS A 82 1.33 -19.79 5.73
CA HIS A 82 -0.05 -20.08 6.13
C HIS A 82 -0.36 -19.63 7.56
N LYS A 83 0.36 -18.63 8.06
CA LYS A 83 0.02 -18.01 9.34
C LYS A 83 -1.12 -16.99 9.24
N ALA A 84 -1.64 -16.74 8.03
CA ALA A 84 -2.82 -15.93 7.86
C ALA A 84 -3.65 -16.52 6.73
N ASP A 85 -4.95 -16.37 6.84
CA ASP A 85 -5.81 -16.79 5.72
C ASP A 85 -5.94 -15.70 4.67
N LEU A 86 -5.96 -14.44 5.07
CA LEU A 86 -6.06 -13.31 4.16
C LEU A 86 -5.11 -12.21 4.57
N ALA A 87 -4.67 -11.42 3.60
CA ALA A 87 -4.01 -10.15 3.84
C ALA A 87 -4.96 -9.07 3.35
N VAL A 88 -5.44 -8.22 4.26
CA VAL A 88 -6.37 -7.15 3.93
C VAL A 88 -5.62 -5.85 4.20
N ALA A 89 -5.09 -5.25 3.14
CA ALA A 89 -4.24 -4.09 3.22
C ALA A 89 -4.11 -3.50 1.82
N PRO A 90 -3.64 -2.24 1.70
CA PRO A 90 -3.33 -1.74 0.37
C PRO A 90 -2.16 -2.51 -0.23
N LEU A 91 -2.45 -3.73 -0.69
CA LEU A 91 -1.44 -4.70 -1.09
C LEU A 91 -1.43 -4.81 -2.61
N THR A 92 -0.32 -4.42 -3.21
CA THR A 92 -0.25 -4.33 -4.66
C THR A 92 -0.22 -5.73 -5.29
N ILE A 93 -1.01 -5.89 -6.35
CA ILE A 93 -1.04 -7.11 -7.14
C ILE A 93 0.09 -7.01 -8.16
N THR A 94 1.13 -7.83 -7.98
CA THR A 94 2.28 -7.85 -8.86
C THR A 94 2.54 -9.29 -9.30
N HIS A 95 2.96 -9.45 -10.56
CA HIS A 95 3.30 -10.78 -11.05
C HIS A 95 4.48 -11.39 -10.30
N VAL A 96 5.35 -10.55 -9.72
CA VAL A 96 6.44 -11.09 -8.93
C VAL A 96 5.89 -11.79 -7.68
N ARG A 97 5.04 -11.11 -6.92
CA ARG A 97 4.46 -11.76 -5.76
C ARG A 97 3.51 -12.89 -6.14
N GLU A 98 3.01 -12.95 -7.38
CA GLU A 98 2.20 -14.09 -7.78
C GLU A 98 3.00 -15.39 -7.81
N LYS A 99 4.33 -15.33 -7.82
CA LYS A 99 5.13 -16.53 -7.70
C LYS A 99 5.03 -17.18 -6.32
N ALA A 100 4.42 -16.53 -5.32
CA ALA A 100 4.41 -17.02 -3.95
C ALA A 100 3.03 -17.03 -3.31
N ILE A 101 2.18 -16.08 -3.65
CA ILE A 101 0.85 -15.98 -3.08
C ILE A 101 -0.14 -15.78 -4.23
N ASP A 102 -1.41 -15.66 -3.88
CA ASP A 102 -2.42 -15.30 -4.86
C ASP A 102 -3.17 -14.05 -4.42
N PHE A 103 -3.91 -13.48 -5.36
CA PHE A 103 -4.64 -12.24 -5.15
C PHE A 103 -6.08 -12.39 -5.61
N SER A 104 -6.99 -11.76 -4.87
CA SER A 104 -8.31 -11.48 -5.41
C SER A 104 -8.21 -10.51 -6.58
N LYS A 105 -9.32 -10.29 -7.25
CA LYS A 105 -9.34 -9.23 -8.24
C LYS A 105 -9.17 -7.88 -7.53
N PRO A 106 -8.62 -6.88 -8.20
CA PRO A 106 -8.35 -5.60 -7.53
C PRO A 106 -9.61 -4.93 -7.02
N PHE A 107 -9.51 -4.33 -5.83
CA PHE A 107 -10.57 -3.46 -5.34
C PHE A 107 -10.26 -1.97 -5.51
N MET A 108 -9.04 -1.62 -5.94
CA MET A 108 -8.66 -0.22 -6.12
C MET A 108 -7.55 -0.14 -7.15
N THR A 109 -7.61 0.86 -8.01
CA THR A 109 -6.57 1.09 -9.01
C THR A 109 -5.76 2.32 -8.64
N LEU A 110 -4.48 2.29 -8.98
CA LEU A 110 -3.57 3.35 -8.58
C LEU A 110 -2.35 3.29 -9.48
N GLY A 111 -1.39 4.18 -9.23
CA GLY A 111 -0.11 4.13 -9.90
C GLY A 111 0.97 4.77 -9.04
N VAL A 112 2.20 4.38 -9.28
CA VAL A 112 3.31 5.04 -8.62
C VAL A 112 3.39 6.47 -9.10
N SER A 113 3.82 7.37 -8.21
CA SER A 113 3.96 8.79 -8.49
C SER A 113 5.00 9.35 -7.52
N ILE A 114 5.08 10.68 -7.44
CA ILE A 114 6.07 11.36 -6.61
C ILE A 114 5.36 12.27 -5.62
N LEU A 115 5.68 12.09 -4.34
CA LEU A 115 5.28 13.01 -3.28
C LEU A 115 6.45 13.91 -2.96
N TYR A 116 6.28 15.20 -3.15
CA TYR A 116 7.37 16.16 -2.93
C TYR A 116 6.78 17.44 -2.36
N ARG A 117 7.64 18.24 -1.74
CA ARG A 117 7.20 19.50 -1.17
C ARG A 117 7.17 20.59 -2.23
N LYS A 118 6.04 21.30 -2.34
CA LYS A 118 5.92 22.32 -3.37
C LYS A 118 6.96 23.41 -3.16
N GLY A 119 7.77 23.65 -4.17
CA GLY A 119 8.81 24.64 -4.07
C GLY A 119 9.73 24.63 -5.27
N THR A 120 10.11 23.46 -5.74
CA THR A 120 10.91 23.39 -6.95
C THR A 120 10.02 22.95 -8.10
N PRO A 121 9.98 23.70 -9.19
CA PRO A 121 9.10 23.31 -10.30
C PRO A 121 9.66 22.14 -11.10
N ILE A 122 9.93 21.00 -10.43
CA ILE A 122 10.17 19.76 -11.16
C ILE A 122 8.82 19.18 -11.56
N ASP A 123 8.79 18.49 -12.70
CA ASP A 123 7.56 18.01 -13.30
C ASP A 123 7.59 16.55 -13.68
N SER A 124 8.74 15.88 -13.59
CA SER A 124 8.92 14.54 -14.13
C SER A 124 9.73 13.71 -13.16
N ALA A 125 9.49 12.41 -13.20
CA ALA A 125 10.36 11.48 -12.50
C ALA A 125 11.76 11.48 -13.11
N ASP A 126 11.87 11.80 -14.39
CA ASP A 126 13.19 11.93 -15.00
C ASP A 126 13.99 13.04 -14.34
N ASP A 127 13.33 14.13 -13.95
CA ASP A 127 14.04 15.26 -13.34
C ASP A 127 14.75 14.84 -12.06
N LEU A 128 14.19 13.90 -11.32
CA LEU A 128 14.88 13.39 -10.13
C LEU A 128 16.06 12.52 -10.51
N ALA A 129 15.91 11.69 -11.53
CA ALA A 129 16.95 10.72 -11.87
C ALA A 129 18.24 11.42 -12.28
N LYS A 130 18.15 12.58 -12.91
CA LYS A 130 19.32 13.30 -13.43
C LYS A 130 19.81 14.36 -12.46
N GLN A 131 19.93 14.02 -11.18
CA GLN A 131 20.54 14.90 -10.19
C GLN A 131 20.76 14.09 -8.91
N THR A 132 21.31 14.74 -7.89
CA THR A 132 21.61 14.10 -6.62
C THR A 132 21.25 14.94 -5.41
N LYS A 133 21.01 16.24 -5.57
CA LYS A 133 20.73 17.12 -4.43
C LYS A 133 19.44 16.71 -3.74
N ILE A 134 18.35 16.60 -4.51
CA ILE A 134 17.07 16.10 -4.01
C ILE A 134 17.19 14.59 -3.91
N GLU A 135 17.40 14.09 -2.69
CA GLU A 135 17.37 12.65 -2.47
C GLU A 135 15.94 12.12 -2.63
N TYR A 136 15.82 10.88 -3.10
CA TYR A 136 14.49 10.30 -3.27
C TYR A 136 14.55 8.80 -3.02
N GLY A 137 13.42 8.26 -2.58
CA GLY A 137 13.34 6.85 -2.31
C GLY A 137 11.91 6.37 -2.23
N ALA A 138 11.73 5.26 -1.53
CA ALA A 138 10.44 4.59 -1.40
C ALA A 138 10.47 3.74 -0.14
N VAL A 139 9.32 3.15 0.18
CA VAL A 139 9.17 2.31 1.36
C VAL A 139 9.91 1.00 1.15
N LYS A 140 10.78 0.64 2.09
CA LYS A 140 11.56 -0.57 1.92
C LYS A 140 10.68 -1.82 1.89
N ASP A 141 11.02 -2.73 0.99
CA ASP A 141 10.36 -4.02 0.86
C ASP A 141 8.88 -3.82 0.57
N GLY A 142 8.60 -2.90 -0.37
CA GLY A 142 7.27 -2.65 -0.84
C GLY A 142 7.21 -2.82 -2.36
N ALA A 143 5.98 -2.74 -2.89
CA ALA A 143 5.83 -2.91 -4.32
C ALA A 143 6.41 -1.75 -5.11
N THR A 144 6.39 -0.53 -4.54
CA THR A 144 7.02 0.59 -5.22
C THR A 144 8.54 0.41 -5.26
N MET A 145 9.12 -0.06 -4.15
CA MET A 145 10.55 -0.34 -4.11
C MET A 145 10.93 -1.41 -5.14
N THR A 146 10.13 -2.47 -5.22
CA THR A 146 10.45 -3.59 -6.10
C THR A 146 10.24 -3.22 -7.57
N PHE A 147 9.33 -2.29 -7.85
CA PHE A 147 9.08 -1.83 -9.21
C PHE A 147 10.31 -1.16 -9.81
N PHE A 148 11.05 -0.40 -9.01
CA PHE A 148 12.28 0.19 -9.52
C PHE A 148 13.41 -0.82 -9.53
N LYS A 149 13.39 -1.77 -8.59
CA LYS A 149 14.43 -2.78 -8.54
C LYS A 149 14.42 -3.64 -9.79
N LYS A 150 13.24 -3.94 -10.34
CA LYS A 150 13.10 -4.87 -11.44
C LYS A 150 12.79 -4.20 -12.78
N SER A 151 12.72 -2.88 -12.83
CA SER A 151 12.36 -2.20 -14.07
C SER A 151 13.50 -2.27 -15.09
N LYS A 152 13.11 -2.30 -16.35
CA LYS A 152 14.05 -2.25 -17.46
C LYS A 152 13.98 -0.92 -18.21
N ILE A 153 13.25 0.06 -17.69
CA ILE A 153 13.21 1.39 -18.30
C ILE A 153 14.47 2.14 -17.90
N SER A 154 15.12 2.80 -18.88
CA SER A 154 16.40 3.44 -18.61
C SER A 154 16.29 4.50 -17.52
N THR A 155 15.16 5.20 -17.44
CA THR A 155 15.02 6.22 -16.40
C THR A 155 14.89 5.59 -15.02
N PHE A 156 14.11 4.51 -14.89
CA PHE A 156 13.86 3.90 -13.59
C PHE A 156 15.05 3.07 -13.11
N GLU A 157 15.79 2.45 -14.02
CA GLU A 157 17.06 1.83 -13.64
C GLU A 157 17.99 2.88 -13.03
N LYS A 158 17.98 4.09 -13.58
CA LYS A 158 18.80 5.16 -13.03
C LYS A 158 18.40 5.48 -11.61
N MET A 159 17.09 5.51 -11.32
CA MET A 159 16.63 5.87 -9.99
C MET A 159 16.92 4.76 -8.98
N TRP A 160 16.81 3.50 -9.40
CA TRP A 160 17.09 2.40 -8.48
C TRP A 160 18.55 2.37 -8.08
N ALA A 161 19.46 2.70 -9.01
CA ALA A 161 20.87 2.79 -8.66
C ALA A 161 21.11 3.85 -7.58
N PHE A 162 20.31 4.91 -7.56
CA PHE A 162 20.41 5.90 -6.48
C PHE A 162 20.00 5.28 -5.15
N MET A 163 18.76 4.81 -5.06
CA MET A 163 18.21 4.28 -3.82
C MET A 163 19.05 3.11 -3.28
N SER A 164 19.56 2.26 -4.19
CA SER A 164 20.49 1.20 -3.81
C SER A 164 21.78 1.74 -3.23
N SER A 165 22.09 3.02 -3.49
CA SER A 165 23.34 3.62 -3.04
C SER A 165 23.19 4.22 -1.64
N LYS A 166 22.28 5.17 -1.49
CA LYS A 166 22.10 5.82 -0.19
C LYS A 166 21.51 4.84 0.81
N PRO A 167 21.97 4.87 2.08
CA PRO A 167 21.51 3.88 3.06
C PRO A 167 20.07 4.07 3.49
N SER A 168 19.70 5.30 3.84
CA SER A 168 18.39 5.59 4.40
C SER A 168 17.42 6.19 3.37
N ALA A 169 17.75 6.10 2.08
CA ALA A 169 16.79 6.53 1.06
C ALA A 169 15.55 5.65 1.05
N LEU A 170 15.71 4.38 1.45
CA LEU A 170 14.60 3.45 1.61
C LEU A 170 14.10 3.58 3.03
N VAL A 171 12.82 3.93 3.19
CA VAL A 171 12.28 4.24 4.50
C VAL A 171 11.45 3.07 5.00
N LYS A 172 11.17 3.08 6.31
CA LYS A 172 10.51 1.95 6.97
C LYS A 172 9.04 1.86 6.57
N ASN A 173 8.35 3.00 6.49
CA ASN A 173 6.94 3.02 6.14
C ASN A 173 6.58 4.41 5.62
N ASN A 174 5.34 4.54 5.14
CA ASN A 174 4.93 5.80 4.54
C ASN A 174 5.00 6.95 5.54
N GLU A 175 4.64 6.70 6.81
CA GLU A 175 4.68 7.78 7.79
C GLU A 175 6.06 8.41 7.85
N GLU A 176 7.09 7.58 7.98
CA GLU A 176 8.45 8.11 8.08
C GLU A 176 8.94 8.64 6.73
N GLY A 177 8.41 8.14 5.60
CA GLY A 177 8.70 8.75 4.31
C GLY A 177 8.08 10.12 4.18
N ILE A 178 6.83 10.29 4.61
CA ILE A 178 6.21 11.60 4.53
C ILE A 178 6.94 12.57 5.46
N GLN A 179 7.18 12.15 6.70
CA GLN A 179 7.93 12.99 7.64
C GLN A 179 9.26 13.44 7.04
N ARG A 180 9.99 12.51 6.41
CA ARG A 180 11.25 12.88 5.78
C ARG A 180 11.04 13.84 4.61
N THR A 181 9.90 13.73 3.93
CA THR A 181 9.59 14.66 2.86
C THR A 181 9.43 16.08 3.39
N LEU A 182 8.93 16.23 4.62
CA LEU A 182 8.67 17.54 5.21
C LEU A 182 9.89 18.15 5.87
N THR A 183 10.86 17.32 6.28
CA THR A 183 12.00 17.77 7.05
C THR A 183 13.32 17.74 6.27
N ALA A 184 13.28 17.33 4.99
CA ALA A 184 14.48 17.29 4.18
C ALA A 184 14.07 17.52 2.74
N ASP A 185 15.06 17.85 1.90
CA ASP A 185 14.80 17.95 0.47
C ASP A 185 14.75 16.53 -0.08
N TYR A 186 13.58 15.92 0.06
CA TYR A 186 13.37 14.52 -0.24
C TYR A 186 12.10 14.36 -1.04
N ALA A 187 12.10 13.38 -1.93
CA ALA A 187 10.95 13.04 -2.74
C ALA A 187 10.62 11.59 -2.49
N LEU A 188 9.35 11.31 -2.21
CA LEU A 188 8.92 9.96 -1.87
C LEU A 188 8.16 9.38 -3.04
N LEU A 189 8.69 8.30 -3.61
CA LEU A 189 7.96 7.53 -4.61
C LEU A 189 6.86 6.75 -3.89
N MET A 190 5.62 7.17 -4.10
CA MET A 190 4.50 6.71 -3.32
C MET A 190 3.32 6.45 -4.25
N GLU A 191 2.39 5.63 -3.79
CA GLU A 191 1.28 5.25 -4.64
C GLU A 191 0.20 6.32 -4.69
N SER A 192 -0.38 6.46 -5.90
CA SER A 192 -1.34 7.48 -6.29
C SER A 192 -2.38 7.80 -5.24
N THR A 193 -3.08 6.77 -4.76
CA THR A 193 -4.21 6.99 -3.86
C THR A 193 -3.75 7.51 -2.50
N THR A 194 -2.56 7.13 -2.05
CA THR A 194 -2.04 7.71 -0.83
C THR A 194 -1.62 9.15 -1.02
N ILE A 195 -0.98 9.45 -2.16
CA ILE A 195 -0.57 10.81 -2.44
C ILE A 195 -1.78 11.73 -2.42
N GLU A 196 -2.87 11.28 -3.04
CA GLU A 196 -4.10 12.05 -2.99
C GLU A 196 -4.48 12.37 -1.56
N TYR A 197 -4.38 11.37 -0.68
CA TYR A 197 -4.81 11.52 0.70
C TYR A 197 -3.89 12.45 1.47
N ILE A 198 -2.58 12.28 1.30
CA ILE A 198 -1.60 13.08 2.04
C ILE A 198 -1.66 14.54 1.60
N THR A 199 -1.72 14.79 0.28
CA THR A 199 -1.65 16.16 -0.21
C THR A 199 -2.95 16.94 0.01
N GLN A 200 -4.03 16.26 0.35
CA GLN A 200 -5.25 16.95 0.75
C GLN A 200 -5.17 17.43 2.19
N ARG A 201 -4.38 16.74 3.02
CA ARG A 201 -4.21 17.09 4.42
C ARG A 201 -2.92 17.86 4.70
N ASN A 202 -1.96 17.86 3.78
CA ASN A 202 -0.67 18.52 3.99
C ASN A 202 -0.46 19.46 2.81
N CYS A 203 -1.07 20.65 2.90
CA CYS A 203 -1.06 21.62 1.81
C CYS A 203 0.34 22.04 1.40
N ASN A 204 1.35 21.74 2.19
CA ASN A 204 2.73 21.95 1.79
C ASN A 204 3.23 20.89 0.82
N LEU A 205 2.48 19.80 0.63
CA LEU A 205 2.90 18.71 -0.23
C LEU A 205 2.07 18.68 -1.49
N THR A 206 2.68 18.15 -2.55
CA THR A 206 2.03 18.05 -3.83
C THR A 206 2.44 16.77 -4.53
N GLN A 207 1.61 16.37 -5.49
CA GLN A 207 2.01 15.33 -6.43
C GLN A 207 2.84 15.96 -7.53
N ILE A 208 3.98 15.34 -7.83
CA ILE A 208 4.85 15.78 -8.89
C ILE A 208 4.68 14.80 -10.05
N GLY A 209 4.20 15.30 -11.19
CA GLY A 209 4.06 14.49 -12.37
C GLY A 209 2.85 13.56 -12.31
N GLY A 210 2.58 12.92 -13.44
CA GLY A 210 1.47 11.99 -13.52
C GLY A 210 1.75 10.67 -12.82
N LEU A 211 1.15 9.60 -13.34
CA LEU A 211 1.38 8.26 -12.80
C LEU A 211 2.46 7.57 -13.61
N ILE A 212 3.38 6.91 -12.91
CA ILE A 212 4.47 6.21 -13.57
C ILE A 212 3.94 4.94 -14.25
N ASP A 213 3.10 4.19 -13.54
CA ASP A 213 2.56 2.96 -14.06
C ASP A 213 1.15 2.79 -13.51
N SER A 214 0.58 1.62 -13.76
CA SER A 214 -0.78 1.28 -13.34
C SER A 214 -0.74 -0.06 -12.63
N LYS A 215 -1.43 -0.16 -11.49
CA LYS A 215 -1.48 -1.37 -10.68
C LYS A 215 -2.83 -1.39 -9.98
N GLY A 216 -3.12 -2.49 -9.30
CA GLY A 216 -4.33 -2.59 -8.49
C GLY A 216 -4.03 -3.18 -7.13
N TYR A 217 -4.78 -2.73 -6.12
CA TYR A 217 -4.74 -3.34 -4.79
C TYR A 217 -5.69 -4.52 -4.75
N GLY A 218 -5.23 -5.66 -4.25
CA GLY A 218 -6.08 -6.81 -4.09
C GLY A 218 -5.86 -7.42 -2.71
N ILE A 219 -6.81 -8.26 -2.32
CA ILE A 219 -6.70 -9.07 -1.11
C ILE A 219 -5.85 -10.28 -1.45
N GLY A 220 -4.85 -10.54 -0.62
CA GLY A 220 -3.91 -11.64 -0.86
C GLY A 220 -4.32 -12.86 -0.05
N THR A 221 -4.05 -14.03 -0.61
CA THR A 221 -4.35 -15.28 0.07
C THR A 221 -3.21 -16.26 -0.23
N PRO A 222 -3.11 -17.33 0.54
CA PRO A 222 -2.22 -18.43 0.14
C PRO A 222 -2.64 -18.95 -1.24
N MET A 223 -1.67 -19.52 -1.96
CA MET A 223 -2.01 -20.16 -3.23
C MET A 223 -2.97 -21.32 -2.97
N GLY A 224 -4.01 -21.41 -3.80
CA GLY A 224 -5.00 -22.44 -3.60
C GLY A 224 -5.96 -22.18 -2.46
N SER A 225 -6.09 -20.94 -2.04
CA SER A 225 -6.99 -20.62 -0.95
C SER A 225 -8.43 -20.87 -1.36
N PRO A 226 -9.22 -21.56 -0.52
CA PRO A 226 -10.64 -21.79 -0.85
C PRO A 226 -11.49 -20.55 -0.76
N TYR A 227 -11.06 -19.50 -0.04
CA TYR A 227 -11.83 -18.28 0.08
C TYR A 227 -11.57 -17.29 -1.04
N ARG A 228 -10.56 -17.52 -1.86
CA ARG A 228 -10.10 -16.50 -2.79
C ARG A 228 -11.15 -16.17 -3.86
N ASP A 229 -11.78 -17.19 -4.45
CA ASP A 229 -12.76 -16.96 -5.51
C ASP A 229 -14.04 -16.32 -4.96
N LYS A 230 -14.49 -16.74 -3.78
CA LYS A 230 -15.59 -16.06 -3.10
C LYS A 230 -15.28 -14.58 -2.89
N ILE A 231 -14.06 -14.25 -2.49
CA ILE A 231 -13.70 -12.84 -2.29
C ILE A 231 -13.80 -12.08 -3.61
N THR A 232 -13.25 -12.65 -4.68
CA THR A 232 -13.24 -11.98 -5.97
C THR A 232 -14.65 -11.65 -6.46
N ILE A 233 -15.56 -12.63 -6.39
CA ILE A 233 -16.93 -12.36 -6.83
C ILE A 233 -17.56 -11.29 -5.97
N ALA A 234 -17.31 -11.32 -4.66
CA ALA A 234 -17.89 -10.30 -3.79
C ALA A 234 -17.35 -8.92 -4.15
N ILE A 235 -16.04 -8.82 -4.34
CA ILE A 235 -15.44 -7.55 -4.73
C ILE A 235 -16.04 -7.05 -6.04
N LEU A 236 -16.14 -7.94 -7.05
CA LEU A 236 -16.69 -7.52 -8.33
C LEU A 236 -18.13 -7.05 -8.20
N GLN A 237 -18.92 -7.70 -7.35
CA GLN A 237 -20.29 -7.24 -7.12
C GLN A 237 -20.29 -5.84 -6.51
N LEU A 238 -19.40 -5.59 -5.56
CA LEU A 238 -19.31 -4.28 -4.94
C LEU A 238 -18.94 -3.19 -5.94
N GLN A 239 -18.08 -3.50 -6.91
CA GLN A 239 -17.72 -2.45 -7.87
C GLN A 239 -18.82 -2.19 -8.87
N GLU A 240 -19.64 -3.20 -9.20
CA GLU A 240 -20.75 -3.00 -10.12
C GLU A 240 -21.68 -1.88 -9.65
N GLU A 241 -21.99 -1.88 -8.36
CA GLU A 241 -22.86 -0.88 -7.75
C GLU A 241 -22.08 0.32 -7.23
N ASP A 242 -20.80 0.44 -7.60
CA ASP A 242 -19.97 1.59 -7.24
C ASP A 242 -19.88 1.79 -5.73
N LYS A 243 -20.05 0.70 -4.97
CA LYS A 243 -19.98 0.84 -3.52
C LYS A 243 -18.55 1.05 -3.04
N LEU A 244 -17.56 0.61 -3.82
CA LEU A 244 -16.17 0.86 -3.46
C LEU A 244 -15.76 2.29 -3.77
N HIS A 245 -16.41 2.89 -4.76
CA HIS A 245 -16.21 4.31 -5.02
C HIS A 245 -16.75 5.15 -3.87
N ILE A 246 -17.96 4.84 -3.40
CA ILE A 246 -18.50 5.50 -2.23
C ILE A 246 -17.57 5.33 -1.04
N MET A 247 -17.03 4.13 -0.88
CA MET A 247 -16.23 3.84 0.31
C MET A 247 -14.94 4.62 0.29
N LYS A 248 -14.35 4.82 -0.89
CA LYS A 248 -13.16 5.67 -1.00
C LYS A 248 -13.50 7.11 -0.67
N GLU A 249 -14.63 7.59 -1.17
CA GLU A 249 -15.07 8.94 -0.84
C GLU A 249 -15.25 9.12 0.66
N LYS A 250 -15.74 8.11 1.36
CA LYS A 250 -15.94 8.25 2.80
C LYS A 250 -14.62 8.43 3.54
N TRP A 251 -13.57 7.70 3.15
CA TRP A 251 -12.31 7.79 3.88
C TRP A 251 -11.34 8.83 3.32
N TRP A 252 -11.56 9.30 2.10
CA TRP A 252 -10.67 10.31 1.52
C TRP A 252 -11.21 11.73 1.67
N ARG A 253 -12.51 11.91 1.83
CA ARG A 253 -13.08 13.24 1.97
C ARG A 253 -12.48 13.95 3.19
N GLY A 254 -12.40 15.27 3.09
CA GLY A 254 -11.85 16.05 4.19
C GLY A 254 -11.65 17.52 3.89
N SER A 255 -10.60 18.08 4.47
CA SER A 255 -10.45 19.53 4.55
C SER A 255 -10.32 20.17 3.17
N GLY A 256 -9.32 19.73 2.40
CA GLY A 256 -8.98 20.43 1.17
C GLY A 256 -7.94 21.52 1.44
N CYS A 257 -7.37 22.03 0.35
CA CYS A 257 -6.23 22.92 0.44
C CYS A 257 -6.40 24.14 -0.47
N PRO A 258 -6.02 25.34 0.00
CA PRO A 258 -6.14 26.59 -0.77
C PRO A 258 -5.22 26.68 -1.99
N CGW B . 1.41 -1.44 -2.01
CA CGW B . 2.79 -1.67 -1.60
C CGW B . 2.93 -3.15 -1.40
O CGW B . 1.86 -3.79 -1.45
CB CGW B . 3.16 -0.93 -0.29
OXT CGW B . 4.09 -3.58 -1.23
CAF CGW B . 0.90 3.32 0.08
CAG CGW B . 0.92 0.81 0.57
CAL CGW B . 2.02 2.64 -0.38
CAM CGW B . 2.06 1.28 -0.14
CAN CGW B . 3.06 3.20 -1.03
CAO CGW B . 4.17 1.08 -1.20
NAI CGW B . 4.16 2.45 -1.47
NAQ CGW B . 3.13 0.53 -0.54
OAC CGW B . 3.05 4.41 -1.28
OAD CGW B . 5.14 0.41 -1.57
SAJ CGW B . -0.36 2.06 0.37
K K C . -7.40 4.26 23.57
K K D . -17.70 -18.09 11.89
CL CL E . -2.47 -7.28 16.31
CL CL F . -12.23 -9.98 17.83
CL CL G . -16.59 0.91 -7.25
#